data_2QPZ
#
_entry.id   2QPZ
#
_cell.length_a   65.230
_cell.length_b   65.230
_cell.length_c   49.440
_cell.angle_alpha   90.000
_cell.angle_beta   90.000
_cell.angle_gamma   120.000
#
_symmetry.space_group_name_H-M   'P 61'
#
loop_
_entity.id
_entity.type
_entity.pdbx_description
1 polymer 'Naphthalene 1,2-dioxygenase system ferredoxin subunit'
2 non-polymer 'FE2/S2 (INORGANIC) CLUSTER'
3 water water
#
_entity_poly.entity_id   1
_entity_poly.type   'polypeptide(L)'
_entity_poly.pdbx_seq_one_letter_code
;TVKWIEAVALSDILEGDVLGVTVEGKELALYEVEGEIYATDNLCTHGSARMSDGYLEGREIECPLHQGRFDVCTGKALCA
PVTQNIKTYPVKIENLRVMIDLS
;
_entity_poly.pdbx_strand_id   A
#
loop_
_chem_comp.id
_chem_comp.type
_chem_comp.name
_chem_comp.formula
FES non-polymer 'FE2/S2 (INORGANIC) CLUSTER' 'Fe2 S2'
#
# COMPACT_ATOMS: atom_id res chain seq x y z
N THR A 1 1.58 18.36 -8.14
CA THR A 1 2.16 18.83 -6.86
C THR A 1 2.84 17.60 -6.30
N VAL A 2 4.05 17.73 -5.78
CA VAL A 2 4.70 16.67 -5.00
C VAL A 2 4.92 17.29 -3.67
N LYS A 3 4.40 16.62 -2.64
CA LYS A 3 4.57 17.07 -1.27
C LYS A 3 4.88 15.91 -0.40
N TRP A 4 6.12 15.84 0.05
CA TRP A 4 6.61 14.66 0.71
C TRP A 4 6.26 14.74 2.19
N ILE A 5 5.69 13.65 2.71
CA ILE A 5 5.32 13.58 4.13
C ILE A 5 5.96 12.34 4.75
N GLU A 6 6.54 12.46 5.95
CA GLU A 6 7.21 11.32 6.52
C GLU A 6 6.17 10.32 6.97
N ALA A 7 6.42 9.05 6.68
CA ALA A 7 5.42 7.98 6.97
C ALA A 7 6.01 7.20 8.12
N VAL A 8 6.96 6.31 7.89
CA VAL A 8 7.52 5.55 8.97
C VAL A 8 8.99 5.58 8.85
N ALA A 9 9.64 5.26 9.96
CA ALA A 9 11.03 4.99 9.92
C ALA A 9 11.12 3.74 9.12
N LEU A 10 12.13 3.62 8.26
CA LEU A 10 12.22 2.47 7.36
C LEU A 10 12.61 1.14 8.02
N SER A 11 13.01 1.19 9.28
CA SER A 11 13.22 -0.01 10.08
C SER A 11 11.88 -0.66 10.27
N ASP A 12 10.83 0.14 10.44
CA ASP A 12 9.49 -0.41 10.56
C ASP A 12 9.04 -1.33 9.39
N ILE A 13 9.63 -1.19 8.20
CA ILE A 13 9.29 -2.10 7.11
C ILE A 13 10.31 -3.29 6.98
N LEU A 14 10.00 -4.44 7.60
CA LEU A 14 10.74 -5.70 7.35
C LEU A 14 10.54 -6.17 5.88
N GLU A 15 11.22 -7.24 5.46
CA GLU A 15 11.02 -7.76 4.11
C GLU A 15 9.55 -8.20 3.86
N GLY A 16 9.09 -8.09 2.61
CA GLY A 16 7.76 -8.56 2.22
C GLY A 16 6.69 -8.12 3.21
N ASP A 17 6.92 -7.04 3.92
CA ASP A 17 6.05 -6.59 4.95
C ASP A 17 4.93 -5.74 4.23
N VAL A 18 3.69 -5.79 4.72
CA VAL A 18 2.68 -4.73 4.48
C VAL A 18 2.41 -4.11 5.84
N LEU A 19 2.48 -2.80 5.89
CA LEU A 19 2.26 -2.05 7.11
C LEU A 19 1.18 -1.03 6.83
N GLY A 20 0.17 -0.94 7.69
CA GLY A 20 -0.78 0.15 7.62
C GLY A 20 -0.34 1.43 8.36
N VAL A 21 -0.47 2.56 7.71
CA VAL A 21 -0.09 3.87 8.34
C VAL A 21 -1.20 4.82 8.12
N THR A 22 -1.20 5.89 8.94
CA THR A 22 -2.24 6.88 8.81
C THR A 22 -1.43 8.18 8.73
N VAL A 23 -1.55 8.87 7.60
CA VAL A 23 -0.76 10.12 7.31
C VAL A 23 -1.68 11.20 6.87
N GLU A 24 -1.64 12.35 7.55
CA GLU A 24 -2.57 13.41 7.29
C GLU A 24 -3.99 12.95 7.24
N GLY A 25 -4.35 12.05 8.13
CA GLY A 25 -5.69 11.60 8.14
C GLY A 25 -5.98 10.47 7.16
N LYS A 26 -5.03 10.16 6.27
CA LYS A 26 -5.30 9.18 5.18
C LYS A 26 -4.75 7.86 5.58
N GLU A 27 -5.52 6.79 5.37
CA GLU A 27 -5.02 5.49 5.69
C GLU A 27 -4.41 4.88 4.45
N LEU A 28 -3.15 4.49 4.57
CA LEU A 28 -2.33 4.00 3.47
C LEU A 28 -1.71 2.67 3.87
N ALA A 29 -1.31 1.89 2.88
CA ALA A 29 -0.61 0.59 3.07
C ALA A 29 0.74 0.80 2.42
N LEU A 30 1.80 0.40 3.12
CA LEU A 30 3.14 0.41 2.62
C LEU A 30 3.56 -1.04 2.44
N TYR A 31 4.14 -1.35 1.31
CA TYR A 31 4.56 -2.71 0.97
C TYR A 31 6.03 -2.76 0.65
N GLU A 32 6.70 -3.82 1.08
CA GLU A 32 8.10 -4.03 0.68
C GLU A 32 8.12 -5.15 -0.31
N VAL A 33 8.70 -4.85 -1.46
CA VAL A 33 8.81 -5.78 -2.60
C VAL A 33 10.24 -5.73 -3.12
N GLU A 34 10.98 -6.81 -2.85
CA GLU A 34 12.34 -7.03 -3.40
C GLU A 34 13.16 -5.75 -3.28
N GLY A 35 13.18 -5.21 -2.06
CA GLY A 35 13.94 -4.04 -1.74
C GLY A 35 13.42 -2.68 -2.11
N GLU A 36 12.19 -2.60 -2.64
CA GLU A 36 11.53 -1.33 -2.96
C GLU A 36 10.29 -1.17 -2.05
N ILE A 37 9.84 0.04 -1.81
CA ILE A 37 8.66 0.28 -1.03
C ILE A 37 7.63 0.94 -1.92
N TYR A 38 6.40 0.45 -1.80
CA TYR A 38 5.33 0.97 -2.52
C TYR A 38 4.23 1.37 -1.57
N ALA A 39 3.34 2.21 -2.05
CA ALA A 39 2.24 2.65 -1.22
C ALA A 39 0.93 2.66 -2.02
N THR A 40 -0.15 2.22 -1.36
CA THR A 40 -1.49 2.37 -1.88
C THR A 40 -2.42 2.94 -0.80
N ASP A 41 -3.63 3.30 -1.20
CA ASP A 41 -4.71 3.46 -0.24
C ASP A 41 -4.87 2.12 0.54
N ASN A 42 -5.25 2.21 1.78
CA ASN A 42 -5.40 1.04 2.63
C ASN A 42 -6.82 0.48 2.49
N LEU A 43 -7.76 1.14 1.87
CA LEU A 43 -9.10 0.54 1.73
C LEU A 43 -9.24 -0.18 0.41
N CYS A 44 -9.81 -1.39 0.39
CA CYS A 44 -10.05 -2.05 -0.85
C CYS A 44 -11.04 -1.28 -1.64
N THR A 45 -10.94 -1.39 -2.97
CA THR A 45 -11.91 -0.71 -3.89
C THR A 45 -13.26 -1.43 -3.97
N HIS A 46 -13.30 -2.68 -3.54
CA HIS A 46 -14.51 -3.51 -3.67
C HIS A 46 -15.37 -3.49 -2.44
N GLY A 47 -14.84 -3.11 -1.29
CA GLY A 47 -15.53 -3.21 -0.03
C GLY A 47 -14.79 -2.62 1.11
N SER A 48 -15.41 -2.71 2.28
N SER A 48 -15.37 -2.75 2.29
CA SER A 48 -14.81 -2.21 3.48
CA SER A 48 -14.79 -2.11 3.45
C SER A 48 -13.84 -3.28 3.94
C SER A 48 -13.79 -3.09 4.10
N ALA A 49 -12.57 -3.13 3.54
CA ALA A 49 -11.55 -4.08 3.97
C ALA A 49 -10.21 -3.33 3.97
N ARG A 50 -9.33 -3.62 4.91
N ARG A 50 -9.30 -3.69 4.86
CA ARG A 50 -8.01 -2.97 4.91
CA ARG A 50 -8.01 -3.01 5.05
C ARG A 50 -6.98 -3.87 4.27
C ARG A 50 -6.89 -3.84 4.39
N MET A 51 -6.30 -3.31 3.31
CA MET A 51 -5.26 -3.99 2.60
C MET A 51 -4.16 -4.46 3.50
N SER A 52 -3.81 -3.70 4.53
CA SER A 52 -2.74 -4.06 5.41
C SER A 52 -3.04 -5.28 6.27
N ASP A 53 -4.28 -5.75 6.27
CA ASP A 53 -4.65 -6.98 6.94
C ASP A 53 -4.68 -8.20 6.00
N GLY A 54 -4.39 -7.95 4.74
CA GLY A 54 -4.31 -8.92 3.73
C GLY A 54 -3.03 -9.71 3.64
N TYR A 55 -2.75 -10.23 2.46
CA TYR A 55 -1.62 -11.12 2.30
C TYR A 55 -0.82 -10.65 1.11
N LEU A 56 0.41 -10.25 1.34
CA LEU A 56 1.28 -9.78 0.30
C LEU A 56 2.15 -10.94 -0.19
N GLU A 57 2.02 -11.23 -1.46
CA GLU A 57 2.77 -12.35 -2.09
C GLU A 57 3.43 -11.78 -3.30
N GLY A 58 4.73 -11.56 -3.19
CA GLY A 58 5.48 -10.87 -4.23
C GLY A 58 4.94 -9.45 -4.43
N ARG A 59 4.46 -9.13 -5.61
CA ARG A 59 3.93 -7.77 -5.83
C ARG A 59 2.43 -7.68 -5.84
N GLU A 60 1.78 -8.74 -5.33
CA GLU A 60 0.32 -8.82 -5.37
C GLU A 60 -0.13 -8.81 -3.96
N ILE A 61 -1.02 -7.88 -3.64
CA ILE A 61 -1.64 -7.86 -2.34
C ILE A 61 -3.03 -8.45 -2.51
N GLU A 62 -3.33 -9.42 -1.62
CA GLU A 62 -4.66 -10.04 -1.55
C GLU A 62 -5.47 -9.36 -0.43
N CYS A 63 -6.65 -8.82 -0.77
CA CYS A 63 -7.57 -8.27 0.19
C CYS A 63 -7.95 -9.31 1.27
N PRO A 64 -8.15 -8.89 2.53
CA PRO A 64 -8.61 -9.84 3.53
C PRO A 64 -10.03 -10.44 3.38
N LEU A 65 -10.78 -9.91 2.45
CA LEU A 65 -12.12 -10.36 2.07
C LEU A 65 -12.03 -10.77 0.57
N HIS A 66 -12.82 -11.71 0.21
CA HIS A 66 -13.09 -12.04 -1.16
C HIS A 66 -12.08 -12.49 -2.18
N GLN A 67 -10.86 -12.64 -1.83
CA GLN A 67 -9.83 -13.06 -2.72
C GLN A 67 -9.43 -12.05 -3.80
N GLY A 68 -9.89 -10.81 -3.72
CA GLY A 68 -9.46 -9.83 -4.68
C GLY A 68 -7.98 -9.55 -4.51
N ARG A 69 -7.29 -9.23 -5.60
CA ARG A 69 -5.85 -8.97 -5.60
C ARG A 69 -5.55 -7.71 -6.42
N PHE A 70 -4.55 -6.94 -5.98
CA PHE A 70 -4.05 -5.79 -6.71
C PHE A 70 -2.52 -5.97 -6.91
N ASP A 71 -2.02 -5.39 -7.97
CA ASP A 71 -0.61 -5.21 -8.09
C ASP A 71 -0.19 -3.96 -7.29
N VAL A 72 0.77 -4.06 -6.41
CA VAL A 72 1.06 -2.93 -5.50
C VAL A 72 1.85 -1.82 -6.18
N CYS A 73 2.50 -2.14 -7.30
CA CYS A 73 3.33 -1.15 -8.02
C CYS A 73 2.46 -0.24 -8.90
N THR A 74 1.46 -0.81 -9.57
CA THR A 74 0.59 -0.08 -10.43
C THR A 74 -0.77 0.20 -9.89
N GLY A 75 -1.17 -0.51 -8.86
CA GLY A 75 -2.56 -0.55 -8.41
C GLY A 75 -3.60 -1.29 -9.22
N LYS A 76 -3.19 -2.00 -10.29
CA LYS A 76 -4.14 -2.65 -11.15
C LYS A 76 -4.93 -3.77 -10.40
N ALA A 77 -6.24 -3.88 -10.62
CA ALA A 77 -7.05 -4.93 -10.09
C ALA A 77 -6.74 -6.16 -10.90
N LEU A 78 -6.41 -7.27 -10.21
CA LEU A 78 -5.89 -8.45 -10.88
C LEU A 78 -6.89 -9.60 -11.02
N CYS A 79 -7.94 -9.61 -10.21
CA CYS A 79 -8.91 -10.69 -10.34
C CYS A 79 -10.16 -10.30 -9.69
N ALA A 80 -11.23 -11.01 -10.05
CA ALA A 80 -12.50 -10.79 -9.46
C ALA A 80 -12.35 -10.95 -7.95
N PRO A 81 -13.16 -10.27 -7.16
CA PRO A 81 -14.23 -9.37 -7.49
C PRO A 81 -13.74 -7.94 -7.72
N VAL A 82 -12.44 -7.70 -7.63
CA VAL A 82 -11.98 -6.27 -7.74
C VAL A 82 -11.85 -5.91 -9.23
N THR A 83 -12.48 -4.78 -9.58
CA THR A 83 -12.54 -4.20 -10.91
C THR A 83 -11.98 -2.75 -11.01
N GLN A 84 -11.96 -2.07 -9.89
CA GLN A 84 -11.41 -0.69 -9.91
C GLN A 84 -10.03 -0.72 -9.30
N ASN A 85 -9.06 -0.12 -10.00
CA ASN A 85 -7.70 -0.07 -9.56
C ASN A 85 -7.60 0.72 -8.28
N ILE A 86 -6.68 0.33 -7.41
CA ILE A 86 -6.45 1.01 -6.15
C ILE A 86 -5.44 2.14 -6.36
N LYS A 87 -5.64 3.21 -5.63
CA LYS A 87 -4.79 4.40 -5.80
C LYS A 87 -3.43 4.14 -5.22
N THR A 88 -2.40 4.43 -6.01
CA THR A 88 -1.04 4.34 -5.61
C THR A 88 -0.48 5.75 -5.28
N TYR A 89 0.56 5.79 -4.47
CA TYR A 89 1.23 7.01 -4.06
C TYR A 89 2.72 6.93 -4.21
N PRO A 90 3.36 7.97 -4.71
CA PRO A 90 4.82 7.96 -4.76
C PRO A 90 5.50 7.80 -3.42
N VAL A 91 6.57 7.01 -3.37
CA VAL A 91 7.35 6.79 -2.16
C VAL A 91 8.81 7.15 -2.38
N LYS A 92 9.44 7.76 -1.40
CA LYS A 92 10.89 7.78 -1.43
C LYS A 92 11.45 7.57 -0.08
N ILE A 93 12.76 7.31 -0.03
CA ILE A 93 13.44 7.14 1.25
C ILE A 93 14.39 8.29 1.41
N GLU A 94 14.29 8.96 2.54
CA GLU A 94 15.09 10.10 2.80
C GLU A 94 15.65 9.85 4.18
N ASN A 95 16.96 9.58 4.13
CA ASN A 95 17.73 8.95 5.17
C ASN A 95 17.53 7.40 4.98
N LEU A 96 16.88 6.58 5.83
CA LEU A 96 16.30 6.82 7.16
C LEU A 96 14.82 6.51 7.14
N ARG A 97 14.04 7.47 6.60
CA ARG A 97 12.59 7.51 6.70
C ARG A 97 11.95 7.24 5.37
N VAL A 98 10.74 6.67 5.45
CA VAL A 98 9.95 6.46 4.24
C VAL A 98 9.04 7.67 4.11
N MET A 99 9.10 8.34 2.98
CA MET A 99 8.27 9.49 2.74
C MET A 99 7.23 9.17 1.68
N ILE A 100 6.07 9.78 1.79
CA ILE A 100 5.03 9.52 0.85
C ILE A 100 4.54 10.85 0.31
N ASP A 101 4.22 10.86 -0.98
CA ASP A 101 3.60 12.07 -1.60
C ASP A 101 2.11 11.95 -1.63
N LEU A 102 1.45 12.68 -0.75
CA LEU A 102 0.01 12.63 -0.64
C LEU A 102 -0.73 13.58 -1.57
N SER A 103 0.04 14.39 -2.27
CA SER A 103 -0.47 15.28 -3.29
C SER A 103 -0.21 14.70 -4.72
FE1 FES B . -11.65 -6.48 -1.08
FE2 FES B . -14.10 -7.54 -1.69
S1 FES B . -12.15 -7.98 -2.66
S2 FES B . -13.61 -6.10 -0.10
#